data_5OD4
#
_entry.id   5OD4
#
_cell.length_a   33.410
_cell.length_b   51.730
_cell.length_c   74.790
_cell.angle_alpha   90.00
_cell.angle_beta   90.00
_cell.angle_gamma   90.00
#
_symmetry.space_group_name_H-M   'P 21 21 21'
#
loop_
_entity.id
_entity.type
_entity.pdbx_description
1 polymer 'Secreted in xylem 3'
2 non-polymer 1,2-ETHANEDIOL
3 water water
#
_entity_poly.entity_id   1
_entity_poly.type   'polypeptide(L)'
_entity_poly.pdbx_seq_one_letter_code
;GPPYCVFPGRRTSSTSFTTSFSTEPLGYARMLHRDPPYERAGNSGLNHRIYERSRVGGLRTVIDVAPPDGHQAIANYEIE
VRRIPVATPNAAGDCFHTARLSTGSRGPATISWDADASYTYYLTISED
;
_entity_poly.pdbx_strand_id   A
#
loop_
_chem_comp.id
_chem_comp.type
_chem_comp.name
_chem_comp.formula
EDO non-polymer 1,2-ETHANEDIOL 'C2 H6 O2'
#
# COMPACT_ATOMS: atom_id res chain seq x y z
N GLY A 1 6.83 -16.89 6.61
CA GLY A 1 7.94 -16.87 5.62
C GLY A 1 8.16 -15.51 4.98
N PRO A 2 8.88 -15.46 3.85
CA PRO A 2 9.19 -14.16 3.25
C PRO A 2 7.91 -13.64 2.66
N PRO A 3 7.76 -12.31 2.49
CA PRO A 3 6.53 -11.90 1.88
C PRO A 3 6.36 -12.49 0.47
N TYR A 4 5.14 -12.86 0.14
CA TYR A 4 4.79 -13.44 -1.14
C TYR A 4 3.86 -12.45 -1.86
N CYS A 5 4.22 -12.09 -3.09
CA CYS A 5 3.42 -11.16 -3.88
C CYS A 5 2.90 -11.89 -5.11
N VAL A 6 1.58 -11.95 -5.26
CA VAL A 6 0.98 -12.57 -6.43
C VAL A 6 1.07 -11.65 -7.66
N PHE A 7 1.20 -10.33 -7.45
CA PHE A 7 1.33 -9.37 -8.53
C PHE A 7 2.79 -8.89 -8.54
N PRO A 8 3.41 -8.71 -9.71
CA PRO A 8 2.80 -8.67 -11.05
C PRO A 8 2.84 -10.00 -11.77
N GLY A 9 3.12 -11.11 -11.08
CA GLY A 9 3.03 -12.39 -11.78
C GLY A 9 1.67 -12.62 -12.43
N ARG A 10 0.62 -12.32 -11.67
CA ARG A 10 -0.72 -12.23 -12.21
C ARG A 10 -1.03 -10.79 -12.61
N ARG A 11 -1.98 -10.66 -13.54
CA ARG A 11 -2.57 -9.40 -13.95
C ARG A 11 -3.61 -8.90 -12.99
N THR A 12 -3.77 -7.59 -12.91
CA THR A 12 -4.81 -6.99 -12.12
C THR A 12 -6.13 -6.85 -12.85
N SER A 13 -7.20 -6.78 -12.10
CA SER A 13 -8.55 -6.64 -12.62
C SER A 13 -9.03 -5.21 -12.64
N SER A 14 -10.25 -5.01 -13.15
CA SER A 14 -10.84 -3.69 -13.26
C SER A 14 -11.13 -3.05 -11.92
N THR A 15 -11.25 -3.83 -10.85
CA THR A 15 -11.51 -3.24 -9.54
C THR A 15 -10.26 -3.22 -8.66
N SER A 16 -9.12 -3.59 -9.21
CA SER A 16 -7.87 -3.43 -8.48
CA SER A 16 -7.88 -3.42 -8.47
C SER A 16 -7.45 -1.97 -8.47
N PHE A 17 -6.63 -1.64 -7.49
CA PHE A 17 -6.02 -0.31 -7.42
C PHE A 17 -4.52 -0.47 -7.36
N THR A 18 -3.80 0.30 -8.19
CA THR A 18 -2.36 0.34 -8.14
C THR A 18 -1.91 1.78 -8.09
N THR A 19 -0.84 2.01 -7.35
CA THR A 19 -0.18 3.31 -7.34
C THR A 19 1.28 3.11 -6.97
N SER A 20 2.10 4.10 -7.29
CA SER A 20 3.47 4.11 -6.84
C SER A 20 3.78 5.41 -6.19
N PHE A 21 4.80 5.40 -5.34
CA PHE A 21 5.21 6.62 -4.65
C PHE A 21 6.66 6.55 -4.27
N SER A 22 7.22 7.74 -4.10
CA SER A 22 8.56 7.96 -3.59
C SER A 22 8.48 8.42 -2.11
N THR A 23 9.60 8.25 -1.43
CA THR A 23 9.79 8.82 -0.09
C THR A 23 10.86 9.90 -0.21
N GLU A 24 10.56 11.06 0.35
CA GLU A 24 11.49 12.15 0.31
C GLU A 24 12.69 11.89 1.18
N PRO A 25 13.86 12.43 0.83
CA PRO A 25 14.99 12.44 1.67
C PRO A 25 14.56 12.87 3.08
N LEU A 26 15.08 12.19 4.07
CA LEU A 26 14.64 12.36 5.45
C LEU A 26 14.97 13.73 6.10
N GLY A 27 15.91 14.47 5.50
CA GLY A 27 16.20 15.81 5.91
C GLY A 27 15.22 16.85 5.41
N TYR A 28 14.26 16.47 4.59
CA TYR A 28 13.24 17.38 4.12
C TYR A 28 12.10 17.37 5.12
N ALA A 29 11.66 18.53 5.59
CA ALA A 29 10.64 18.60 6.63
C ALA A 29 9.28 18.11 6.15
N ARG A 30 8.61 17.33 6.97
CA ARG A 30 7.20 16.99 6.81
C ARG A 30 6.41 17.54 7.98
N MET A 31 5.15 17.83 7.75
CA MET A 31 4.22 18.13 8.84
C MET A 31 3.44 16.86 9.13
N LEU A 32 3.64 16.30 10.31
CA LEU A 32 3.06 15.00 10.64
C LEU A 32 1.67 15.16 11.29
N HIS A 33 0.80 14.17 11.12
CA HIS A 33 -0.59 14.22 11.62
C HIS A 33 -0.96 12.87 12.16
N ARG A 34 -1.72 12.83 13.25
CA ARG A 34 -2.13 11.56 13.89
C ARG A 34 -3.18 10.79 13.10
N ASP A 35 -3.88 11.50 12.22
CA ASP A 35 -5.04 10.98 11.45
C ASP A 35 -5.17 11.62 10.00
N PRO A 36 -4.21 11.37 9.07
CA PRO A 36 -4.21 11.95 7.72
CA PRO A 36 -4.09 11.77 7.64
C PRO A 36 -5.35 11.43 6.82
N PRO A 37 -5.71 12.17 5.73
CA PRO A 37 -6.95 11.81 5.02
C PRO A 37 -6.87 10.51 4.28
N TYR A 38 -7.94 9.73 4.38
CA TYR A 38 -8.17 8.65 3.44
C TYR A 38 -8.61 9.19 2.10
N GLU A 39 -8.24 8.47 1.03
CA GLU A 39 -8.66 8.75 -0.34
C GLU A 39 -9.21 7.49 -0.94
N ARG A 40 -10.09 7.60 -1.91
CA ARG A 40 -10.64 6.37 -2.56
CA ARG A 40 -10.64 6.46 -2.61
C ARG A 40 -9.52 5.72 -3.32
N ALA A 41 -9.48 4.42 -3.15
CA ALA A 41 -8.49 3.59 -3.84
C ALA A 41 -9.07 3.23 -5.16
N GLY A 42 -9.13 4.18 -6.12
CA GLY A 42 -9.62 3.93 -7.46
C GLY A 42 -10.97 3.25 -7.42
N ASN A 43 -11.08 2.25 -8.27
CA ASN A 43 -12.32 1.52 -8.42
C ASN A 43 -12.48 0.32 -7.53
N SER A 44 -11.71 0.23 -6.46
CA SER A 44 -11.77 -0.94 -5.60
CA SER A 44 -11.75 -0.95 -5.61
C SER A 44 -12.89 -1.01 -4.58
N GLY A 45 -13.60 0.08 -4.34
CA GLY A 45 -14.60 0.12 -3.24
C GLY A 45 -14.03 0.27 -1.84
N LEU A 46 -12.72 0.49 -1.76
CA LEU A 46 -12.00 0.72 -0.51
C LEU A 46 -11.37 2.09 -0.57
N ASN A 47 -10.97 2.54 0.63
CA ASN A 47 -10.17 3.73 0.80
C ASN A 47 -8.77 3.38 1.27
N HIS A 48 -7.83 4.31 1.08
CA HIS A 48 -6.45 4.10 1.50
C HIS A 48 -5.82 5.40 1.91
N ARG A 49 -4.73 5.30 2.67
CA ARG A 49 -3.88 6.45 2.92
C ARG A 49 -2.45 5.98 3.04
N ILE A 50 -1.53 6.82 2.57
CA ILE A 50 -0.10 6.58 2.55
C ILE A 50 0.53 7.78 3.23
N TYR A 51 1.23 7.57 4.33
CA TYR A 51 1.69 8.68 5.15
C TYR A 51 2.90 8.29 5.94
N GLU A 52 3.41 9.22 6.73
CA GLU A 52 4.53 8.97 7.63
C GLU A 52 4.16 9.28 9.06
N ARG A 53 4.80 8.57 9.99
CA ARG A 53 4.67 8.81 11.39
C ARG A 53 6.01 8.75 12.06
N SER A 54 6.13 9.45 13.17
CA SER A 54 7.36 9.43 13.92
C SER A 54 7.55 8.12 14.73
N LEU A 59 11.53 7.95 11.16
CA LEU A 59 10.23 8.03 10.52
C LEU A 59 9.84 6.67 10.03
N ARG A 60 8.53 6.41 10.08
CA ARG A 60 7.93 5.21 9.52
C ARG A 60 7.02 5.57 8.41
N THR A 61 7.07 4.85 7.31
CA THR A 61 6.06 4.95 6.23
C THR A 61 4.93 3.98 6.61
N VAL A 62 3.69 4.44 6.43
CA VAL A 62 2.50 3.68 6.79
C VAL A 62 1.52 3.68 5.65
N ILE A 63 0.91 2.52 5.40
CA ILE A 63 -0.23 2.43 4.50
C ILE A 63 -1.38 1.80 5.26
N ASP A 64 -2.53 2.47 5.25
CA ASP A 64 -3.79 1.92 5.79
C ASP A 64 -4.77 1.74 4.65
N VAL A 65 -5.55 0.62 4.71
CA VAL A 65 -6.59 0.33 3.72
C VAL A 65 -7.83 -0.04 4.51
N ALA A 66 -9.00 0.58 4.17
CA ALA A 66 -10.20 0.31 4.93
C ALA A 66 -11.42 0.43 4.05
N PRO A 67 -12.50 -0.26 4.41
CA PRO A 67 -13.80 0.01 3.79
C PRO A 67 -14.22 1.46 4.07
N PRO A 68 -15.13 2.01 3.26
CA PRO A 68 -15.66 3.35 3.51
C PRO A 68 -16.67 3.34 4.64
N ASP A 69 -16.81 4.51 5.29
CA ASP A 69 -18.04 4.85 6.03
C ASP A 69 -18.42 3.92 7.14
N GLY A 70 -17.42 3.30 7.79
CA GLY A 70 -17.67 2.39 8.87
C GLY A 70 -18.19 1.03 8.48
N HIS A 71 -18.18 0.73 7.18
CA HIS A 71 -18.67 -0.53 6.69
C HIS A 71 -17.69 -1.65 6.97
N GLN A 72 -18.21 -2.87 6.89
CA GLN A 72 -17.38 -4.08 6.87
C GLN A 72 -16.97 -4.41 5.45
N ALA A 73 -15.79 -5.03 5.29
CA ALA A 73 -15.41 -5.55 3.99
C ALA A 73 -16.38 -6.63 3.54
N ILE A 74 -16.76 -6.60 2.26
CA ILE A 74 -17.72 -7.54 1.70
CA ILE A 74 -17.72 -7.56 1.75
C ILE A 74 -17.06 -8.73 1.03
N ALA A 75 -15.75 -8.76 1.02
CA ALA A 75 -14.93 -9.77 0.35
C ALA A 75 -13.56 -9.73 1.00
N ASN A 76 -12.72 -10.69 0.59
CA ASN A 76 -11.31 -10.67 0.99
C ASN A 76 -10.48 -9.91 -0.03
N TYR A 77 -9.51 -9.15 0.46
CA TYR A 77 -8.62 -8.37 -0.40
C TYR A 77 -7.18 -8.63 -0.03
N GLU A 78 -6.36 -8.69 -1.08
CA GLU A 78 -4.91 -8.80 -1.02
C GLU A 78 -4.32 -7.40 -1.19
N ILE A 79 -3.38 -7.04 -0.30
CA ILE A 79 -2.72 -5.75 -0.32
C ILE A 79 -1.22 -6.03 -0.36
N GLU A 80 -0.54 -5.51 -1.39
CA GLU A 80 0.88 -5.80 -1.58
C GLU A 80 1.67 -4.56 -1.83
N VAL A 81 2.88 -4.52 -1.28
CA VAL A 81 3.85 -3.48 -1.58
C VAL A 81 5.12 -4.15 -2.11
N ARG A 82 5.55 -3.71 -3.29
CA ARG A 82 6.87 -4.04 -3.80
C ARG A 82 7.76 -2.80 -3.70
N ARG A 83 9.06 -3.02 -3.54
CA ARG A 83 10.02 -1.90 -3.55
C ARG A 83 11.03 -2.14 -4.67
N ILE A 84 11.36 -1.06 -5.39
CA ILE A 84 12.33 -1.16 -6.47
C ILE A 84 13.44 -0.17 -6.16
N PRO A 85 14.70 -0.63 -6.03
CA PRO A 85 15.85 0.26 -5.85
CA PRO A 85 15.77 0.34 -5.77
C PRO A 85 15.84 1.40 -6.84
N VAL A 86 16.13 2.62 -6.39
CA VAL A 86 16.23 3.75 -7.31
C VAL A 86 17.48 3.60 -8.18
N ALA A 87 17.44 4.30 -9.30
CA ALA A 87 18.60 4.48 -10.19
C ALA A 87 19.18 3.17 -10.65
N THR A 88 18.28 2.22 -10.89
CA THR A 88 18.66 0.87 -11.26
C THR A 88 17.63 0.41 -12.28
N PRO A 89 17.68 0.88 -13.54
CA PRO A 89 16.49 0.65 -14.35
CA PRO A 89 16.65 0.62 -14.58
C PRO A 89 16.23 -0.83 -14.65
N ASN A 90 17.24 -1.72 -14.53
CA ASN A 90 17.06 -3.12 -14.71
CA ASN A 90 16.98 -3.12 -14.70
C ASN A 90 16.67 -3.92 -13.40
N ALA A 91 16.46 -3.22 -12.34
CA ALA A 91 16.08 -3.88 -11.10
C ALA A 91 14.78 -4.65 -11.18
N ALA A 92 14.77 -5.85 -10.61
CA ALA A 92 13.56 -6.65 -10.55
C ALA A 92 12.57 -6.28 -9.52
N GLY A 93 13.04 -5.62 -8.46
CA GLY A 93 12.21 -5.33 -7.32
C GLY A 93 12.05 -6.49 -6.35
N ASP A 94 11.60 -6.15 -5.14
CA ASP A 94 11.34 -7.08 -4.09
C ASP A 94 9.89 -7.02 -3.65
N CYS A 95 9.30 -8.18 -3.33
CA CYS A 95 8.06 -8.18 -2.56
C CYS A 95 8.43 -7.80 -1.13
N PHE A 96 7.90 -6.69 -0.66
CA PHE A 96 8.36 -6.05 0.55
C PHE A 96 7.45 -6.34 1.74
N HIS A 97 6.16 -6.06 1.60
CA HIS A 97 5.19 -6.33 2.66
C HIS A 97 3.85 -6.63 2.04
N THR A 98 3.05 -7.42 2.74
CA THR A 98 1.68 -7.68 2.33
C THR A 98 0.74 -7.65 3.52
N ALA A 99 -0.55 -7.47 3.23
CA ALA A 99 -1.58 -7.50 4.25
C ALA A 99 -2.87 -7.98 3.62
N ARG A 100 -3.81 -8.36 4.49
N ARG A 100 -3.86 -8.18 4.48
CA ARG A 100 -5.14 -8.80 4.09
CA ARG A 100 -5.15 -8.74 4.09
C ARG A 100 -6.21 -7.95 4.75
C ARG A 100 -6.27 -8.01 4.77
N LEU A 101 -7.28 -7.68 3.98
CA LEU A 101 -8.54 -7.13 4.52
C LEU A 101 -9.54 -8.25 4.32
N SER A 102 -9.97 -8.90 5.42
CA SER A 102 -10.80 -10.08 5.36
C SER A 102 -12.29 -9.73 5.35
N THR A 103 -13.10 -10.61 4.78
CA THR A 103 -14.56 -10.41 4.76
C THR A 103 -15.05 -10.20 6.20
N GLY A 104 -15.84 -9.15 6.40
CA GLY A 104 -16.38 -8.83 7.70
C GLY A 104 -15.54 -7.92 8.56
N SER A 105 -14.26 -7.74 8.20
CA SER A 105 -13.41 -6.85 8.98
C SER A 105 -13.76 -5.40 8.74
N ARG A 106 -13.43 -4.59 9.74
CA ARG A 106 -13.64 -3.16 9.67
CA ARG A 106 -13.64 -3.16 9.59
C ARG A 106 -12.38 -2.39 9.27
N GLY A 107 -11.22 -3.02 9.45
CA GLY A 107 -9.99 -2.35 9.12
C GLY A 107 -9.56 -1.33 10.13
N PRO A 108 -8.51 -0.60 9.82
CA PRO A 108 -7.72 -0.77 8.59
C PRO A 108 -6.85 -2.02 8.62
N ALA A 109 -6.56 -2.51 7.43
CA ALA A 109 -5.38 -3.32 7.17
C ALA A 109 -4.21 -2.37 7.06
N THR A 110 -3.09 -2.66 7.74
CA THR A 110 -1.97 -1.70 7.84
CA THR A 110 -1.98 -1.71 7.80
C THR A 110 -0.66 -2.39 7.55
N ILE A 111 0.19 -1.67 6.84
CA ILE A 111 1.58 -2.03 6.59
C ILE A 111 2.45 -0.87 6.98
N SER A 112 3.62 -1.13 7.57
CA SER A 112 4.55 -0.02 7.85
C SER A 112 5.97 -0.50 7.80
N TRP A 113 6.87 0.47 7.64
CA TRP A 113 8.30 0.18 7.52
C TRP A 113 9.11 1.42 7.85
N ASP A 114 10.39 1.25 8.12
CA ASP A 114 11.28 2.40 8.37
C ASP A 114 11.43 3.16 7.05
N ALA A 115 11.16 4.46 7.08
CA ALA A 115 11.15 5.24 5.85
C ALA A 115 12.50 5.23 5.18
N ASP A 116 12.51 5.09 3.87
CA ASP A 116 13.74 4.95 3.09
C ASP A 116 13.52 5.53 1.71
N ALA A 117 14.30 6.57 1.40
CA ALA A 117 14.19 7.28 0.13
C ALA A 117 14.85 6.57 -1.05
N SER A 118 15.53 5.45 -0.80
CA SER A 118 16.33 4.75 -1.81
CA SER A 118 16.26 4.89 -1.94
C SER A 118 15.55 3.72 -2.62
N TYR A 119 14.24 3.62 -2.42
CA TYR A 119 13.39 2.75 -3.21
C TYR A 119 12.16 3.54 -3.66
N THR A 120 11.59 3.12 -4.77
CA THR A 120 10.24 3.49 -5.16
C THR A 120 9.32 2.35 -4.74
N TYR A 121 8.13 2.69 -4.26
CA TYR A 121 7.20 1.72 -3.71
C TYR A 121 5.98 1.59 -4.60
N TYR A 122 5.51 0.34 -4.76
CA TYR A 122 4.39 0.03 -5.65
C TYR A 122 3.35 -0.71 -4.85
N LEU A 123 2.18 -0.11 -4.69
CA LEU A 123 1.08 -0.66 -3.93
C LEU A 123 0.04 -1.23 -4.89
N THR A 124 -0.44 -2.44 -4.56
CA THR A 124 -1.58 -3.04 -5.29
C THR A 124 -2.58 -3.49 -4.25
N ILE A 125 -3.84 -3.19 -4.50
CA ILE A 125 -5.00 -3.66 -3.69
C ILE A 125 -5.91 -4.39 -4.65
N SER A 126 -6.29 -5.64 -4.33
CA SER A 126 -7.18 -6.41 -5.22
C SER A 126 -8.04 -7.35 -4.43
N GLU A 127 -9.29 -7.47 -4.84
CA GLU A 127 -10.15 -8.53 -4.33
C GLU A 127 -9.60 -9.87 -4.68
N ASP A 128 -9.71 -10.82 -3.76
CA ASP A 128 -9.33 -12.20 -4.09
C ASP A 128 -10.14 -12.78 -5.24
C1 EDO B . 4.17 -20.19 -7.02
O1 EDO B . 3.05 -19.57 -6.35
C2 EDO B . 5.12 -20.92 -6.09
O2 EDO B . 5.55 -20.03 -5.07
C1 EDO C . -3.58 8.80 -0.01
O1 EDO C . -2.65 9.04 1.10
C2 EDO C . -3.35 9.62 -1.29
O2 EDO C . -2.02 9.40 -1.70
C1 EDO D . -11.13 3.08 9.67
O1 EDO D . -10.59 3.27 10.96
C2 EDO D . -11.74 1.68 9.68
O2 EDO D . -12.19 1.29 10.99
C1 EDO E . 0.97 12.81 7.83
O1 EDO E . 1.62 12.27 9.01
C2 EDO E . 1.96 13.16 6.71
O2 EDO E . 2.55 11.97 6.16
C1 EDO F . -15.61 -11.46 -7.69
O1 EDO F . -14.38 -11.60 -8.42
C2 EDO F . -16.24 -10.08 -7.92
O2 EDO F . -15.26 -9.06 -8.00
#